data_3VW3
#
_entry.id   3VW3
#
_cell.length_a   68.430
_cell.length_b   68.430
_cell.length_c   243.658
_cell.angle_alpha   90.00
_cell.angle_beta   90.00
_cell.angle_gamma   90.00
#
_symmetry.space_group_name_H-M   'P 43 21 2'
#
loop_
_entity.id
_entity.type
_entity.pdbx_description
1 polymer 'Anti-(6-4) photoproduct antibody 64M-5 Fab (light chain)'
2 polymer 'Anti-(6-4) photoproduct antibody 64M-5 Fab (heavy chain)'
3 polymer "DNA (5'-D(*GP*CP*GP*AP*GP*TP*GP*AP*(64T)P*(5PY)P*AP*TP*GP*GP*AP*CP*GP*G)-3')"
4 polymer "DNA (5'-D(*CP*CP*CP*GP*TP*CP*CP*AP*TP*AP*AP*TP*CP*AP*CP*TP*CP*G)-3')"
5 non-polymer 'COBALT HEXAMMINE(III)'
6 water water
#
loop_
_entity_poly.entity_id
_entity_poly.type
_entity_poly.pdbx_seq_one_letter_code
_entity_poly.pdbx_strand_id
1 'polypeptide(L)'
;DVLMTQTPLSLPVSLGDQASISCRSSQNIVHSNGYTYLEWYLQKPGQSPKLLIYTVSNRFSGVPDRFSGSGSGTDFTLKI
SRVEAEDLGVYYCFRGSHVPTFGGGTKLEIKRADAAPTVSIFPPSSEQLTSGGASVVCFLNNFYPKDINVKWKIDGSERQ
NGVLNSWTDQDSKDSTYSMSSTLTLTKDEYERHNSYTCEATHKTSTSPIVKSFNRNE
;
L
2 'polypeptide(L)'
;EVQLQQSGTVLARPGASVKMSCKASGYTFTNYWMHWIKQRPGQGLEWIGTIYPGNSDTTYSQKFKGKAKLTAVTSTSTAY
MELSSLTNEDSAVYYCSRRNYGSSYAMDYWGQGTSVTVSSAKTTPPSVYPLAPGSAAQTNSMVTLGCLVKGYFPEPVTVT
WNSGSLSSGVHTFPAVLQSDLYTLSSSVTVPSSTWPSETVTCNVAHPASSTKVDKKIVPR
;
H
3 'polydeoxyribonucleotide' (DG)(DC)(DG)(DA)(DG)(DT)(DG)(DA)(64T)(5PY)(DA)(DT)(DG)(DG)(DA)(DC)(DG)(DG) A
4 'polydeoxyribonucleotide' (DC)(DC)(DC)(DG)(DT)(DC)(DC)(DA)(DT)(DA)(DA)(DT)(DC)(DA)(DC)(DT)(DC)(DG) B
#
loop_
_chem_comp.id
_chem_comp.type
_chem_comp.name
_chem_comp.formula
5PY DNA linking 1-(2'-DEOXY-5'-O-PHOSPHONO-BETA-D-ERYTHRO-PENTOFURANOSYL)-5-METHYLPYRIMIDIN-2(1H)-ONE 'C10 H15 N2 O7 P'
64T DNA linking 5-HYDROXY-THYMIDINE-5'-MONOPHOSPHATE 'C10 H17 N2 O9 P'
DA DNA linking 2'-DEOXYADENOSINE-5'-MONOPHOSPHATE 'C10 H14 N5 O6 P'
DC DNA linking 2'-DEOXYCYTIDINE-5'-MONOPHOSPHATE 'C9 H14 N3 O7 P'
DG DNA linking 2'-DEOXYGUANOSINE-5'-MONOPHOSPHATE 'C10 H14 N5 O7 P'
DT DNA linking THYMIDINE-5'-MONOPHOSPHATE 'C10 H15 N2 O8 P'
NCO non-polymer 'COBALT HEXAMMINE(III)' 'Co H18 N6 3'
#
# COMPACT_ATOMS: atom_id res chain seq x y z
N VAL A 2 -15.22 -14.41 18.54
CA VAL A 2 -15.78 -13.02 18.69
C VAL A 2 -15.34 -12.16 17.49
N LEU A 3 -14.90 -12.84 16.44
CA LEU A 3 -14.39 -12.22 15.23
C LEU A 3 -15.41 -11.85 14.16
N MET A 4 -14.99 -10.97 13.27
CA MET A 4 -15.81 -10.54 12.13
C MET A 4 -15.10 -11.00 10.85
N THR A 5 -15.78 -11.84 10.08
CA THR A 5 -15.23 -12.39 8.86
C THR A 5 -15.95 -11.75 7.65
N GLN A 6 -15.18 -11.32 6.65
CA GLN A 6 -15.74 -10.67 5.48
C GLN A 6 -15.46 -11.47 4.22
N THR A 7 -16.45 -11.48 3.32
CA THR A 7 -16.35 -12.19 2.05
C THR A 7 -16.93 -11.37 0.88
N PRO A 8 -16.27 -11.43 -0.29
CA PRO A 8 -15.04 -12.20 -0.51
C PRO A 8 -13.81 -11.40 -0.12
N LEU A 9 -12.64 -12.01 -0.30
CA LEU A 9 -11.37 -11.37 0.03
C LEU A 9 -11.03 -10.39 -1.09
N SER A 10 -11.78 -10.51 -2.17
CA SER A 10 -11.61 -9.65 -3.31
C SER A 10 -12.83 -9.74 -4.18
N LEU A 11 -13.47 -8.60 -4.46
CA LEU A 11 -14.66 -8.59 -5.28
C LEU A 11 -14.46 -7.86 -6.61
N PRO A 12 -14.60 -8.58 -7.72
CA PRO A 12 -14.44 -7.98 -9.04
C PRO A 12 -15.82 -7.63 -9.59
N VAL A 13 -16.05 -6.37 -9.90
CA VAL A 13 -17.33 -5.98 -10.45
C VAL A 13 -17.09 -5.11 -11.67
N SER A 14 -18.04 -5.13 -12.60
CA SER A 14 -17.94 -4.32 -13.80
C SER A 14 -18.65 -3.00 -13.56
N LEU A 15 -18.00 -1.91 -13.95
CA LEU A 15 -18.59 -0.60 -13.79
C LEU A 15 -20.07 -0.65 -14.12
N GLY A 16 -20.85 0.15 -13.43
CA GLY A 16 -22.28 0.19 -13.69
C GLY A 16 -23.02 -0.96 -13.09
N ASP A 17 -22.33 -2.08 -12.88
CA ASP A 17 -22.99 -3.24 -12.31
C ASP A 17 -22.96 -3.17 -10.80
N GLN A 18 -23.73 -4.05 -10.16
CA GLN A 18 -23.81 -4.09 -8.70
C GLN A 18 -22.73 -4.92 -8.00
N ALA A 19 -22.22 -4.39 -6.89
CA ALA A 19 -21.21 -5.07 -6.09
C ALA A 19 -21.84 -5.30 -4.72
N SER A 20 -21.49 -6.39 -4.06
CA SER A 20 -22.07 -6.70 -2.75
C SER A 20 -21.07 -7.43 -1.87
N ILE A 21 -20.66 -6.77 -0.79
CA ILE A 21 -19.68 -7.33 0.14
C ILE A 21 -20.40 -7.94 1.33
N SER A 22 -19.87 -9.05 1.84
CA SER A 22 -20.48 -9.75 2.98
C SER A 22 -19.67 -9.74 4.27
N CYS A 23 -20.36 -9.50 5.40
CA CYS A 23 -19.71 -9.48 6.72
C CYS A 23 -20.45 -10.33 7.75
N ARG A 24 -19.81 -11.39 8.26
CA ARG A 24 -20.48 -12.23 9.25
C ARG A 24 -19.76 -12.32 10.59
N SER A 25 -20.56 -12.29 11.63
CA SER A 25 -20.08 -12.38 13.00
C SER A 25 -20.21 -13.80 13.49
N SER A 26 -19.26 -14.20 14.32
CA SER A 26 -19.29 -15.54 14.89
C SER A 26 -20.54 -15.67 15.74
N GLN A 27 -21.08 -14.54 16.19
CA GLN A 27 -22.29 -14.53 17.02
C GLN A 27 -23.12 -13.25 16.92
N ASN A 28 -24.25 -13.24 17.62
CA ASN A 28 -25.19 -12.12 17.62
C ASN A 28 -24.55 -10.84 18.19
N ILE A 29 -24.29 -9.85 17.34
CA ILE A 29 -23.66 -8.63 17.81
C ILE A 29 -24.51 -7.45 18.29
N VAL A 30 -25.82 -7.66 18.51
CA VAL A 30 -26.70 -6.57 18.95
C VAL A 30 -26.40 -6.16 20.37
N HIS A 31 -26.41 -4.86 20.62
CA HIS A 31 -26.13 -4.35 21.96
C HIS A 31 -27.38 -4.57 22.79
N SER A 32 -27.23 -4.61 24.11
CA SER A 32 -28.38 -4.81 24.97
C SER A 32 -29.47 -3.74 24.81
N ASN A 33 -29.26 -2.71 23.96
CA ASN A 33 -30.29 -1.70 23.82
C ASN A 33 -31.12 -1.81 22.55
N GLY A 34 -30.85 -2.85 21.77
CA GLY A 34 -31.61 -3.06 20.56
C GLY A 34 -30.89 -2.58 19.33
N TYR A 35 -29.91 -1.70 19.53
CA TYR A 35 -29.14 -1.19 18.42
C TYR A 35 -28.05 -2.15 18.01
N THR A 36 -27.70 -2.14 16.73
CA THR A 36 -26.64 -3.01 16.25
C THR A 36 -25.58 -2.11 15.64
N TYR A 37 -24.59 -1.82 16.45
CA TYR A 37 -23.48 -0.97 16.07
C TYR A 37 -22.52 -1.66 15.14
N LEU A 38 -22.95 -1.83 13.89
CA LEU A 38 -22.15 -2.47 12.87
C LEU A 38 -21.94 -1.39 11.82
N GLU A 39 -20.69 -1.21 11.40
CA GLU A 39 -20.39 -0.16 10.44
C GLU A 39 -19.56 -0.63 9.28
N TRP A 40 -19.53 0.19 8.22
CA TRP A 40 -18.70 -0.08 7.06
C TRP A 40 -17.80 1.14 6.81
N TYR A 41 -16.56 0.89 6.37
CA TYR A 41 -15.61 1.94 6.11
C TYR A 41 -14.89 1.67 4.82
N LEU A 42 -14.45 2.73 4.18
CA LEU A 42 -13.73 2.60 2.94
C LEU A 42 -12.37 3.25 3.09
N GLN A 43 -11.34 2.59 2.57
CA GLN A 43 -10.02 3.19 2.61
C GLN A 43 -9.47 3.05 1.22
N LYS A 44 -9.11 4.19 0.63
CA LYS A 44 -8.54 4.20 -0.70
C LYS A 44 -7.04 4.27 -0.54
N PRO A 45 -6.29 3.73 -1.48
CA PRO A 45 -4.83 3.79 -1.35
C PRO A 45 -4.29 5.18 -1.04
N GLY A 46 -3.39 5.25 -0.07
CA GLY A 46 -2.78 6.52 0.30
C GLY A 46 -3.59 7.38 1.26
N GLN A 47 -4.90 7.15 1.32
CA GLN A 47 -5.78 7.92 2.20
C GLN A 47 -6.04 7.26 3.55
N SER A 48 -6.90 7.90 4.34
CA SER A 48 -7.27 7.38 5.62
C SER A 48 -8.65 6.77 5.44
N PRO A 49 -9.05 5.84 6.30
CA PRO A 49 -10.37 5.22 6.18
C PRO A 49 -11.47 6.29 6.37
N LYS A 50 -12.55 6.15 5.63
CA LYS A 50 -13.69 7.07 5.68
C LYS A 50 -14.93 6.28 6.02
N LEU A 51 -15.84 6.91 6.73
CA LEU A 51 -17.09 6.26 7.13
C LEU A 51 -18.18 6.23 6.04
N LEU A 52 -18.74 5.05 5.80
CA LEU A 52 -19.81 4.90 4.81
C LEU A 52 -21.15 4.75 5.49
N ILE A 53 -21.25 3.75 6.35
CA ILE A 53 -22.49 3.43 7.04
C ILE A 53 -22.30 3.12 8.52
N TYR A 54 -23.29 3.50 9.33
CA TYR A 54 -23.26 3.19 10.75
C TYR A 54 -24.58 2.55 11.11
N THR A 55 -24.60 1.84 12.25
CA THR A 55 -25.80 1.14 12.72
C THR A 55 -26.46 0.37 11.58
N VAL A 56 -25.67 -0.46 10.91
CA VAL A 56 -26.20 -1.30 9.86
C VAL A 56 -26.64 -0.67 8.55
N SER A 57 -27.49 0.35 8.60
CA SER A 57 -27.96 0.93 7.34
C SER A 57 -27.95 2.45 7.19
N ASN A 58 -27.69 3.16 8.27
CA ASN A 58 -27.69 4.62 8.17
C ASN A 58 -26.54 5.18 7.35
N ARG A 59 -26.88 5.83 6.25
CA ARG A 59 -25.87 6.40 5.38
C ARG A 59 -25.27 7.66 6.02
N PHE A 60 -23.95 7.77 5.95
CA PHE A 60 -23.25 8.92 6.51
C PHE A 60 -23.27 10.08 5.50
N SER A 61 -23.55 11.27 6.01
CA SER A 61 -23.56 12.48 5.20
C SER A 61 -22.29 12.58 4.33
N GLY A 62 -22.47 12.97 3.06
CA GLY A 62 -21.34 13.10 2.14
C GLY A 62 -21.07 11.78 1.41
N VAL A 63 -21.85 10.78 1.76
CA VAL A 63 -21.69 9.48 1.16
C VAL A 63 -22.67 9.27 0.02
N PRO A 64 -22.17 8.82 -1.14
CA PRO A 64 -22.95 8.55 -2.36
C PRO A 64 -24.16 7.64 -2.09
N ASP A 65 -25.29 7.98 -2.72
CA ASP A 65 -26.54 7.21 -2.54
C ASP A 65 -26.44 5.75 -3.02
N ARG A 66 -25.50 5.48 -3.94
CA ARG A 66 -25.29 4.14 -4.46
C ARG A 66 -24.75 3.16 -3.39
N PHE A 67 -24.62 3.63 -2.15
CA PHE A 67 -24.15 2.81 -1.04
C PHE A 67 -25.28 2.54 -0.05
N SER A 68 -25.56 1.25 0.21
CA SER A 68 -26.61 0.87 1.15
C SER A 68 -26.11 -0.31 1.95
N GLY A 69 -26.59 -0.41 3.18
CA GLY A 69 -26.16 -1.50 4.04
C GLY A 69 -27.34 -2.18 4.68
N SER A 70 -27.18 -3.46 5.00
CA SER A 70 -28.30 -4.21 5.57
C SER A 70 -27.87 -5.45 6.35
N GLY A 71 -28.77 -5.96 7.19
CA GLY A 71 -28.46 -7.15 7.94
C GLY A 71 -28.99 -7.19 9.35
N SER A 72 -28.61 -8.20 10.12
CA SER A 72 -29.05 -8.34 11.51
C SER A 72 -28.36 -9.51 12.23
N GLY A 73 -28.32 -9.45 13.55
CA GLY A 73 -27.71 -10.50 14.34
C GLY A 73 -26.29 -10.95 14.00
N THR A 74 -26.12 -11.73 12.93
CA THR A 74 -24.82 -12.24 12.52
C THR A 74 -24.49 -12.10 11.04
N ASP A 75 -25.41 -11.53 10.27
CA ASP A 75 -25.20 -11.37 8.83
C ASP A 75 -25.46 -9.91 8.42
N PHE A 76 -24.51 -9.28 7.74
CA PHE A 76 -24.68 -7.90 7.31
C PHE A 76 -24.04 -7.70 5.93
N THR A 77 -24.70 -6.87 5.12
CA THR A 77 -24.31 -6.61 3.72
C THR A 77 -24.15 -5.13 3.34
N LEU A 78 -23.15 -4.85 2.51
CA LEU A 78 -22.90 -3.49 2.03
C LEU A 78 -23.05 -3.58 0.52
N LYS A 79 -23.90 -2.74 -0.08
CA LYS A 79 -24.09 -2.76 -1.54
C LYS A 79 -23.88 -1.45 -2.31
N ILE A 80 -23.21 -1.59 -3.44
CA ILE A 80 -22.91 -0.49 -4.34
C ILE A 80 -23.81 -0.71 -5.56
N SER A 81 -25.03 -0.15 -5.54
CA SER A 81 -25.97 -0.31 -6.65
C SER A 81 -25.25 -0.36 -8.01
N ARG A 82 -24.53 0.71 -8.35
CA ARG A 82 -23.79 0.77 -9.59
C ARG A 82 -22.37 1.25 -9.32
N VAL A 83 -21.40 0.36 -9.42
CA VAL A 83 -20.03 0.71 -9.16
C VAL A 83 -19.46 1.80 -10.08
N GLU A 84 -18.86 2.83 -9.49
CA GLU A 84 -18.22 3.89 -10.25
C GLU A 84 -16.72 3.59 -10.25
N ALA A 85 -16.00 4.05 -11.25
CA ALA A 85 -14.57 3.80 -11.32
C ALA A 85 -13.83 4.36 -10.09
N GLU A 86 -14.49 5.24 -9.34
CA GLU A 86 -13.87 5.85 -8.17
C GLU A 86 -13.94 4.91 -6.98
N ASP A 87 -14.86 3.97 -7.02
CA ASP A 87 -15.06 3.09 -5.89
C ASP A 87 -13.99 2.06 -5.53
N LEU A 88 -12.91 1.95 -6.29
CA LEU A 88 -11.87 0.99 -5.93
C LEU A 88 -11.16 1.30 -4.60
N GLY A 89 -10.93 0.24 -3.83
CA GLY A 89 -10.30 0.37 -2.54
C GLY A 89 -10.76 -0.79 -1.68
N VAL A 90 -10.37 -0.80 -0.41
CA VAL A 90 -10.74 -1.85 0.51
C VAL A 90 -11.92 -1.44 1.39
N TYR A 91 -12.92 -2.29 1.50
CA TYR A 91 -14.07 -2.00 2.37
C TYR A 91 -13.92 -2.90 3.61
N TYR A 92 -14.26 -2.37 4.77
CA TYR A 92 -14.16 -3.06 6.03
C TYR A 92 -15.41 -2.89 6.86
N CYS A 93 -15.92 -4.00 7.42
CA CYS A 93 -17.06 -3.86 8.31
C CYS A 93 -16.36 -3.77 9.67
N PHE A 94 -17.11 -3.40 10.69
CA PHE A 94 -16.50 -3.15 11.97
C PHE A 94 -17.55 -3.20 13.04
N ARG A 95 -17.23 -3.83 14.15
CA ARG A 95 -18.18 -3.89 15.24
C ARG A 95 -17.75 -2.80 16.22
N GLY A 96 -18.63 -1.86 16.45
CA GLY A 96 -18.29 -0.79 17.35
C GLY A 96 -18.77 -0.98 18.76
N SER A 97 -19.29 -2.14 19.12
CA SER A 97 -19.75 -2.29 20.49
C SER A 97 -18.96 -3.37 21.16
N HIS A 98 -19.01 -3.40 22.50
CA HIS A 98 -18.29 -4.38 23.30
C HIS A 98 -16.80 -4.15 23.04
N VAL A 99 -16.10 -5.13 22.52
CA VAL A 99 -14.70 -4.91 22.22
C VAL A 99 -14.71 -4.71 20.70
N PRO A 100 -14.56 -3.44 20.25
CA PRO A 100 -14.56 -3.10 18.83
C PRO A 100 -13.65 -4.00 18.02
N THR A 101 -14.04 -4.26 16.78
CA THR A 101 -13.23 -5.12 15.92
C THR A 101 -13.53 -4.85 14.44
N PHE A 102 -12.48 -4.95 13.61
CA PHE A 102 -12.59 -4.74 12.18
C PHE A 102 -12.71 -6.05 11.45
N GLY A 103 -13.38 -6.01 10.31
CA GLY A 103 -13.49 -7.20 9.50
C GLY A 103 -12.15 -7.24 8.82
N GLY A 104 -11.91 -8.31 8.08
CA GLY A 104 -10.63 -8.48 7.44
C GLY A 104 -10.50 -7.60 6.24
N GLY A 105 -11.65 -7.11 5.78
CA GLY A 105 -11.70 -6.23 4.63
C GLY A 105 -11.86 -6.95 3.30
N THR A 106 -12.49 -6.26 2.33
CA THR A 106 -12.72 -6.83 0.99
C THR A 106 -12.24 -5.82 -0.05
N LYS A 107 -11.25 -6.19 -0.87
CA LYS A 107 -10.73 -5.28 -1.89
C LYS A 107 -11.62 -5.19 -3.12
N LEU A 108 -11.95 -3.97 -3.52
CA LEU A 108 -12.79 -3.81 -4.70
C LEU A 108 -11.95 -3.56 -5.93
N GLU A 109 -12.14 -4.39 -6.95
CA GLU A 109 -11.41 -4.23 -8.19
C GLU A 109 -12.47 -4.01 -9.27
N ILE A 110 -12.12 -3.22 -10.27
CA ILE A 110 -13.05 -2.93 -11.35
C ILE A 110 -12.81 -4.03 -12.38
N LYS A 111 -13.85 -4.82 -12.66
CA LYS A 111 -13.75 -5.91 -13.63
C LYS A 111 -13.68 -5.39 -15.06
N ARG A 112 -12.49 -5.50 -15.65
CA ARG A 112 -12.24 -5.03 -17.00
C ARG A 112 -11.77 -6.18 -17.93
N ALA A 113 -11.69 -5.92 -19.23
CA ALA A 113 -11.27 -6.96 -20.18
C ALA A 113 -9.81 -7.37 -19.98
N ASP A 114 -9.51 -8.61 -20.36
CA ASP A 114 -8.16 -9.17 -20.22
C ASP A 114 -7.06 -8.41 -20.99
N ALA A 115 -5.82 -8.61 -20.59
CA ALA A 115 -4.69 -7.96 -21.25
C ALA A 115 -3.41 -8.72 -20.94
N ALA A 116 -2.53 -8.82 -21.93
CA ALA A 116 -1.27 -9.55 -21.77
C ALA A 116 -0.10 -8.69 -21.35
N PRO A 117 0.77 -9.21 -20.46
CA PRO A 117 1.93 -8.46 -19.99
C PRO A 117 2.93 -7.96 -21.04
N THR A 118 2.93 -6.65 -21.26
CA THR A 118 3.85 -6.01 -22.18
C THR A 118 5.20 -6.00 -21.43
N VAL A 119 6.02 -7.01 -21.67
CA VAL A 119 7.29 -7.15 -20.99
C VAL A 119 8.49 -6.50 -21.67
N SER A 120 9.49 -6.18 -20.86
CA SER A 120 10.73 -5.57 -21.35
C SER A 120 11.81 -5.80 -20.29
N ILE A 121 12.81 -6.61 -20.64
CA ILE A 121 13.89 -6.91 -19.71
C ILE A 121 15.01 -5.88 -19.83
N PHE A 122 15.84 -5.78 -18.80
CA PHE A 122 16.91 -4.80 -18.81
C PHE A 122 18.18 -5.39 -18.23
N PRO A 123 19.33 -5.13 -18.88
CA PRO A 123 20.63 -5.63 -18.43
C PRO A 123 21.22 -4.74 -17.34
N PRO A 124 22.01 -5.33 -16.44
CA PRO A 124 22.64 -4.58 -15.35
C PRO A 124 23.44 -3.40 -15.89
N SER A 125 23.28 -2.24 -15.25
CA SER A 125 23.99 -1.04 -15.66
C SER A 125 25.47 -1.08 -15.36
N SER A 126 26.25 -0.54 -16.29
CA SER A 126 27.71 -0.47 -16.17
C SER A 126 28.12 0.09 -14.81
N GLU A 127 27.39 1.10 -14.35
CA GLU A 127 27.66 1.72 -13.06
C GLU A 127 27.59 0.71 -11.93
N GLN A 128 26.56 -0.14 -11.95
CA GLN A 128 26.39 -1.13 -10.88
C GLN A 128 27.49 -2.20 -10.84
N LEU A 129 27.87 -2.72 -12.00
CA LEU A 129 28.87 -3.78 -12.12
C LEU A 129 30.11 -3.72 -11.21
N THR A 130 30.90 -2.64 -11.29
CA THR A 130 32.09 -2.51 -10.45
C THR A 130 31.67 -2.08 -9.05
N SER A 131 30.42 -1.65 -8.95
CA SER A 131 29.85 -1.19 -7.70
C SER A 131 29.27 -2.35 -6.87
N GLY A 132 29.81 -3.56 -7.04
CA GLY A 132 29.34 -4.69 -6.25
C GLY A 132 28.63 -5.84 -6.96
N GLY A 133 27.33 -5.74 -7.13
CA GLY A 133 26.58 -6.81 -7.78
C GLY A 133 26.06 -6.40 -9.14
N ALA A 134 25.06 -7.14 -9.63
CA ALA A 134 24.47 -6.87 -10.94
C ALA A 134 22.98 -7.22 -10.91
N SER A 135 22.14 -6.24 -11.20
CA SER A 135 20.70 -6.45 -11.17
C SER A 135 19.99 -6.40 -12.50
N VAL A 136 19.36 -7.52 -12.84
CA VAL A 136 18.61 -7.64 -14.08
C VAL A 136 17.18 -7.25 -13.71
N VAL A 137 16.50 -6.51 -14.57
CA VAL A 137 15.14 -6.13 -14.24
C VAL A 137 14.14 -6.45 -15.35
N CYS A 138 12.93 -6.82 -14.94
CA CYS A 138 11.87 -7.13 -15.89
C CYS A 138 10.56 -6.47 -15.46
N PHE A 139 10.03 -5.63 -16.32
CA PHE A 139 8.79 -4.94 -16.06
C PHE A 139 7.62 -5.57 -16.82
N LEU A 140 6.59 -5.94 -16.08
CA LEU A 140 5.40 -6.53 -16.68
C LEU A 140 4.31 -5.51 -16.44
N ASN A 141 4.21 -4.55 -17.36
CA ASN A 141 3.25 -3.46 -17.25
C ASN A 141 1.90 -3.69 -17.94
N ASN A 142 0.88 -3.02 -17.41
CA ASN A 142 -0.47 -3.07 -17.94
C ASN A 142 -1.06 -4.41 -18.36
N PHE A 143 -1.67 -5.12 -17.41
CA PHE A 143 -2.30 -6.40 -17.70
C PHE A 143 -3.52 -6.65 -16.82
N TYR A 144 -4.37 -7.60 -17.20
CA TYR A 144 -5.57 -7.94 -16.41
C TYR A 144 -6.09 -9.32 -16.81
N PRO A 145 -6.51 -10.14 -15.83
CA PRO A 145 -6.55 -9.92 -14.38
C PRO A 145 -5.18 -9.81 -13.71
N LYS A 146 -5.19 -9.55 -12.40
CA LYS A 146 -3.94 -9.38 -11.65
C LYS A 146 -3.16 -10.67 -11.41
N ASP A 147 -3.85 -11.81 -11.40
CA ASP A 147 -3.18 -13.09 -11.16
C ASP A 147 -2.20 -13.48 -12.26
N ILE A 148 -0.91 -13.32 -11.96
CA ILE A 148 0.16 -13.65 -12.89
C ILE A 148 1.38 -14.18 -12.16
N ASN A 149 2.26 -14.85 -12.89
CA ASN A 149 3.47 -15.40 -12.29
C ASN A 149 4.71 -15.12 -13.14
N VAL A 150 5.88 -15.14 -12.52
CA VAL A 150 7.10 -14.83 -13.24
C VAL A 150 8.30 -15.68 -12.87
N LYS A 151 8.87 -16.34 -13.87
CA LYS A 151 10.06 -17.17 -13.65
C LYS A 151 11.28 -16.55 -14.34
N TRP A 152 12.46 -16.74 -13.75
CA TRP A 152 13.70 -16.23 -14.35
C TRP A 152 14.56 -17.38 -14.80
N LYS A 153 15.29 -17.23 -15.91
CA LYS A 153 16.13 -18.31 -16.44
C LYS A 153 17.55 -17.88 -16.83
N ILE A 154 18.53 -18.57 -16.28
CA ILE A 154 19.95 -18.30 -16.53
C ILE A 154 20.52 -19.38 -17.45
N ASP A 155 20.61 -19.07 -18.74
CA ASP A 155 21.11 -20.00 -19.75
C ASP A 155 20.05 -21.08 -19.92
N GLY A 156 18.79 -20.64 -19.99
CA GLY A 156 17.69 -21.58 -20.12
C GLY A 156 17.30 -22.26 -18.81
N SER A 157 18.19 -22.17 -17.82
CA SER A 157 17.96 -22.78 -16.50
C SER A 157 17.12 -21.84 -15.63
N GLU A 158 16.22 -22.41 -14.84
CA GLU A 158 15.36 -21.58 -13.99
C GLU A 158 16.07 -21.00 -12.77
N ARG A 159 15.82 -19.73 -12.54
CA ARG A 159 16.39 -18.99 -11.43
C ARG A 159 15.24 -18.46 -10.59
N GLN A 160 14.98 -19.10 -9.45
CA GLN A 160 13.89 -18.66 -8.58
C GLN A 160 14.42 -18.02 -7.29
N ASN A 161 15.63 -18.39 -6.90
CA ASN A 161 16.23 -17.82 -5.70
C ASN A 161 16.82 -16.45 -6.02
N GLY A 162 16.72 -15.51 -5.09
CA GLY A 162 17.30 -14.20 -5.32
C GLY A 162 16.62 -13.21 -6.26
N VAL A 163 15.30 -13.14 -6.20
CA VAL A 163 14.56 -12.20 -7.03
C VAL A 163 13.72 -11.32 -6.09
N LEU A 164 13.06 -10.30 -6.64
CA LEU A 164 12.21 -9.40 -5.84
C LEU A 164 11.15 -8.79 -6.73
N ASN A 165 9.90 -8.87 -6.31
CA ASN A 165 8.79 -8.32 -7.10
C ASN A 165 7.98 -7.27 -6.36
N SER A 166 7.43 -6.33 -7.10
CA SER A 166 6.60 -5.29 -6.52
C SER A 166 5.43 -5.16 -7.45
N TRP A 167 4.25 -5.05 -6.88
CA TRP A 167 3.06 -4.89 -7.68
C TRP A 167 2.55 -3.49 -7.45
N THR A 168 1.64 -3.05 -8.31
CA THR A 168 1.06 -1.74 -8.20
C THR A 168 -0.42 -1.96 -8.18
N ASP A 169 -1.11 -1.21 -7.32
CA ASP A 169 -2.55 -1.33 -7.20
C ASP A 169 -3.19 -1.12 -8.58
N GLN A 170 -4.34 -1.76 -8.79
CA GLN A 170 -5.07 -1.62 -10.04
C GLN A 170 -5.18 -0.13 -10.39
N ASP A 171 -4.57 0.28 -11.50
CA ASP A 171 -4.64 1.68 -11.92
C ASP A 171 -6.12 2.09 -12.01
N SER A 172 -6.42 3.28 -11.52
CA SER A 172 -7.80 3.76 -11.51
C SER A 172 -8.36 4.26 -12.83
N LYS A 173 -7.51 4.42 -13.84
CA LYS A 173 -7.95 4.90 -15.14
C LYS A 173 -8.18 3.80 -16.18
N ASP A 174 -7.17 2.96 -16.37
CA ASP A 174 -7.26 1.86 -17.33
C ASP A 174 -7.62 0.54 -16.66
N SER A 175 -7.55 0.52 -15.34
CA SER A 175 -7.88 -0.68 -14.57
C SER A 175 -6.96 -1.89 -14.84
N THR A 176 -5.65 -1.67 -14.87
CA THR A 176 -4.72 -2.79 -15.07
C THR A 176 -3.70 -2.79 -13.95
N TYR A 177 -2.95 -3.89 -13.85
CA TYR A 177 -1.94 -3.99 -12.81
C TYR A 177 -0.59 -3.96 -13.50
N SER A 178 0.47 -3.80 -12.72
CA SER A 178 1.83 -3.76 -13.23
C SER A 178 2.75 -4.28 -12.13
N MET A 179 3.70 -5.12 -12.49
CA MET A 179 4.62 -5.64 -11.48
C MET A 179 6.04 -5.53 -12.01
N SER A 180 7.01 -5.75 -11.14
CA SER A 180 8.41 -5.66 -11.55
C SER A 180 9.21 -6.73 -10.84
N SER A 181 10.09 -7.40 -11.59
CA SER A 181 10.92 -8.44 -11.02
C SER A 181 12.37 -8.03 -11.21
N THR A 182 13.15 -8.18 -10.17
CA THR A 182 14.56 -7.83 -10.21
C THR A 182 15.37 -9.07 -9.83
N LEU A 183 16.49 -9.29 -10.52
CA LEU A 183 17.34 -10.43 -10.23
C LEU A 183 18.71 -9.90 -9.79
N THR A 184 19.02 -10.05 -8.52
CA THR A 184 20.30 -9.59 -8.02
C THR A 184 21.28 -10.74 -7.98
N LEU A 185 22.17 -10.76 -8.95
CA LEU A 185 23.21 -11.78 -9.06
C LEU A 185 24.45 -11.01 -8.68
N THR A 186 25.51 -11.68 -8.24
CA THR A 186 26.70 -10.93 -7.90
C THR A 186 27.25 -10.44 -9.21
N LYS A 187 28.43 -9.82 -9.13
CA LYS A 187 29.08 -9.31 -10.31
C LYS A 187 29.85 -10.46 -10.99
N ASP A 188 30.54 -11.25 -10.17
CA ASP A 188 31.30 -12.39 -10.66
C ASP A 188 30.34 -13.44 -11.22
N GLU A 189 29.17 -13.57 -10.58
CA GLU A 189 28.15 -14.52 -11.02
C GLU A 189 27.56 -14.12 -12.38
N TYR A 190 27.02 -12.90 -12.48
CA TYR A 190 26.44 -12.39 -13.73
C TYR A 190 27.40 -12.61 -14.91
N GLU A 191 28.69 -12.46 -14.63
CA GLU A 191 29.73 -12.63 -15.63
C GLU A 191 29.97 -14.10 -16.00
N ARG A 192 29.62 -15.00 -15.10
CA ARG A 192 29.80 -16.44 -15.32
C ARG A 192 28.81 -17.06 -16.30
N HIS A 193 27.76 -16.32 -16.67
CA HIS A 193 26.75 -16.83 -17.60
C HIS A 193 26.53 -15.90 -18.79
N ASN A 194 25.56 -16.23 -19.63
CA ASN A 194 25.32 -15.44 -20.82
C ASN A 194 23.87 -15.15 -21.10
N SER A 195 22.99 -16.12 -20.84
CA SER A 195 21.55 -15.98 -21.09
C SER A 195 20.72 -15.57 -19.86
N TYR A 196 19.77 -14.67 -20.09
CA TYR A 196 18.88 -14.16 -19.05
C TYR A 196 17.54 -13.97 -19.73
N THR A 197 16.49 -14.52 -19.12
CA THR A 197 15.16 -14.44 -19.70
C THR A 197 14.09 -14.11 -18.66
N CYS A 198 12.89 -13.78 -19.16
CA CYS A 198 11.76 -13.48 -18.31
C CYS A 198 10.51 -13.99 -18.99
N GLU A 199 9.73 -14.81 -18.28
CA GLU A 199 8.50 -15.38 -18.83
C GLU A 199 7.34 -15.13 -17.87
N ALA A 200 6.18 -14.84 -18.42
CA ALA A 200 5.00 -14.59 -17.60
C ALA A 200 3.84 -15.47 -17.99
N THR A 201 3.29 -16.18 -17.02
CA THR A 201 2.15 -17.05 -17.27
C THR A 201 0.88 -16.31 -16.90
N HIS A 202 0.11 -15.92 -17.90
CA HIS A 202 -1.13 -15.20 -17.69
C HIS A 202 -2.28 -16.05 -18.19
N LYS A 203 -3.47 -15.88 -17.62
CA LYS A 203 -4.63 -16.68 -18.03
C LYS A 203 -5.09 -16.43 -19.46
N THR A 204 -4.46 -15.47 -20.14
CA THR A 204 -4.79 -15.15 -21.53
C THR A 204 -4.70 -16.41 -22.39
N SER A 205 -3.65 -17.19 -22.17
CA SER A 205 -3.41 -18.44 -22.89
C SER A 205 -2.38 -19.24 -22.11
N THR A 206 -2.26 -20.53 -22.39
CA THR A 206 -1.28 -21.37 -21.70
C THR A 206 0.11 -21.21 -22.30
N SER A 207 0.22 -20.26 -23.22
CA SER A 207 1.48 -19.97 -23.88
C SER A 207 2.12 -18.73 -23.26
N PRO A 208 3.28 -18.90 -22.60
CA PRO A 208 4.02 -17.83 -21.95
C PRO A 208 4.37 -16.70 -22.91
N ILE A 209 4.95 -15.64 -22.36
CA ILE A 209 5.40 -14.48 -23.14
C ILE A 209 6.88 -14.30 -22.76
N VAL A 210 7.76 -14.68 -23.67
CA VAL A 210 9.20 -14.62 -23.40
C VAL A 210 9.97 -13.42 -23.94
N LYS A 211 10.75 -12.79 -23.07
CA LYS A 211 11.58 -11.64 -23.43
C LYS A 211 12.97 -11.86 -22.86
N SER A 212 13.99 -11.78 -23.70
CA SER A 212 15.35 -11.99 -23.22
C SER A 212 16.46 -11.17 -23.86
N PHE A 213 17.65 -11.31 -23.28
CA PHE A 213 18.84 -10.60 -23.73
C PHE A 213 20.10 -11.40 -23.36
N ASN A 214 21.18 -11.17 -24.11
CA ASN A 214 22.47 -11.81 -23.83
C ASN A 214 23.54 -10.72 -23.79
N ARG A 215 24.53 -10.91 -22.93
CA ARG A 215 25.59 -9.93 -22.73
C ARG A 215 26.37 -9.39 -23.93
N ASN A 216 25.77 -9.44 -25.12
CA ASN A 216 26.39 -8.89 -26.32
C ASN A 216 25.34 -8.09 -27.08
N GLU B 1 -15.72 22.72 12.23
CA GLU B 1 -14.86 21.83 11.41
C GLU B 1 -13.98 20.97 12.30
N VAL B 2 -14.38 19.71 12.47
CA VAL B 2 -13.59 18.79 13.28
C VAL B 2 -12.31 18.46 12.52
N GLN B 3 -11.19 18.44 13.22
CA GLN B 3 -9.98 18.08 12.53
C GLN B 3 -9.10 17.43 13.52
N LEU B 4 -8.39 16.41 13.06
CA LEU B 4 -7.50 15.65 13.88
C LEU B 4 -6.17 15.65 13.15
N GLN B 5 -5.16 16.22 13.79
CA GLN B 5 -3.84 16.32 13.22
C GLN B 5 -2.86 15.50 14.02
N GLN B 6 -2.22 14.54 13.36
CA GLN B 6 -1.25 13.68 14.00
C GLN B 6 0.20 14.07 13.72
N SER B 7 1.10 13.68 14.62
CA SER B 7 2.51 13.96 14.49
C SER B 7 3.05 13.32 13.21
N GLY B 8 4.31 13.61 12.89
CA GLY B 8 4.89 13.10 11.65
C GLY B 8 5.62 11.78 11.73
N THR B 9 6.01 11.27 10.56
CA THR B 9 6.74 10.01 10.46
C THR B 9 7.74 9.85 11.60
N VAL B 10 8.05 8.61 11.93
CA VAL B 10 8.97 8.29 13.00
C VAL B 10 9.77 7.02 12.74
N LEU B 11 10.99 6.98 13.28
CA LEU B 11 11.88 5.83 13.14
C LEU B 11 12.45 5.52 14.51
N ALA B 12 12.33 4.28 14.91
CA ALA B 12 12.84 3.85 16.20
C ALA B 12 13.60 2.54 16.03
N ARG B 13 14.41 2.21 17.03
CA ARG B 13 15.18 0.98 16.98
C ARG B 13 14.56 -0.13 17.79
N PRO B 14 14.71 -1.37 17.32
CA PRO B 14 14.14 -2.50 18.05
C PRO B 14 14.44 -2.31 19.52
N GLY B 15 13.41 -2.45 20.36
CA GLY B 15 13.60 -2.29 21.80
C GLY B 15 13.31 -0.87 22.26
N ALA B 16 13.43 0.11 21.37
CA ALA B 16 13.15 1.48 21.76
C ALA B 16 11.63 1.64 21.86
N SER B 17 11.16 2.83 22.23
CA SER B 17 9.72 3.02 22.30
C SER B 17 9.37 4.30 21.54
N VAL B 18 8.08 4.58 21.42
CA VAL B 18 7.64 5.77 20.70
C VAL B 18 6.36 6.33 21.26
N LYS B 19 6.26 7.65 21.18
CA LYS B 19 5.07 8.31 21.67
C LYS B 19 4.68 9.20 20.54
N MET B 20 3.43 9.06 20.11
CA MET B 20 2.89 9.85 19.02
C MET B 20 1.68 10.61 19.53
N SER B 21 1.28 11.64 18.80
CA SER B 21 0.17 12.44 19.25
C SER B 21 -0.91 12.61 18.20
N CYS B 22 -2.02 13.22 18.59
CA CYS B 22 -3.13 13.49 17.72
C CYS B 22 -3.80 14.72 18.31
N LYS B 23 -3.65 15.85 17.63
CA LYS B 23 -4.24 17.09 18.10
C LYS B 23 -5.63 17.22 17.51
N ALA B 24 -6.60 17.48 18.36
CA ALA B 24 -7.97 17.63 17.92
C ALA B 24 -8.37 19.08 18.04
N SER B 25 -9.33 19.47 17.23
CA SER B 25 -9.87 20.82 17.25
C SER B 25 -11.19 20.85 16.46
N GLY B 26 -12.07 21.76 16.85
CA GLY B 26 -13.36 21.89 16.18
C GLY B 26 -14.52 21.32 16.96
N TYR B 27 -14.23 20.71 18.10
CA TYR B 27 -15.29 20.13 18.93
C TYR B 27 -14.82 20.06 20.37
N THR B 28 -15.75 19.69 21.24
CA THR B 28 -15.45 19.57 22.65
C THR B 28 -14.77 18.24 23.02
N PHE B 29 -13.44 18.26 22.94
CA PHE B 29 -12.56 17.12 23.23
C PHE B 29 -13.00 16.16 24.34
N THR B 30 -13.46 16.71 25.45
CA THR B 30 -13.85 15.90 26.61
C THR B 30 -15.20 15.19 26.51
N ASN B 31 -15.93 15.36 25.41
CA ASN B 31 -17.20 14.68 25.32
C ASN B 31 -17.21 13.47 24.36
N TYR B 32 -16.07 13.13 23.75
CA TYR B 32 -16.08 12.01 22.82
C TYR B 32 -14.95 11.06 23.04
N TRP B 33 -15.20 9.80 22.71
CA TRP B 33 -14.15 8.81 22.82
C TRP B 33 -13.22 8.96 21.63
N MET B 34 -11.92 8.92 21.88
CA MET B 34 -10.94 8.99 20.78
C MET B 34 -10.42 7.56 20.58
N HIS B 35 -10.44 7.07 19.35
CA HIS B 35 -9.95 5.71 19.08
C HIS B 35 -8.61 5.71 18.33
N TRP B 36 -7.89 4.58 18.44
CA TRP B 36 -6.60 4.40 17.77
C TRP B 36 -6.62 3.11 16.96
N ILE B 37 -6.21 3.20 15.71
CA ILE B 37 -6.21 2.07 14.85
C ILE B 37 -4.85 1.85 14.20
N LYS B 38 -4.44 0.58 14.08
CA LYS B 38 -3.16 0.22 13.48
C LYS B 38 -3.35 -0.49 12.17
N GLN B 39 -2.40 -0.28 11.26
CA GLN B 39 -2.44 -0.89 9.94
C GLN B 39 -1.04 -1.16 9.40
N ARG B 40 -0.61 -2.42 9.46
CA ARG B 40 0.71 -2.79 8.95
C ARG B 40 0.67 -2.81 7.42
N PRO B 41 1.85 -2.68 6.79
CA PRO B 41 1.96 -2.67 5.32
C PRO B 41 1.16 -3.80 4.65
N GLY B 42 0.27 -3.41 3.75
CA GLY B 42 -0.54 -4.38 3.05
C GLY B 42 -1.47 -5.22 3.91
N GLN B 43 -1.58 -4.90 5.19
CA GLN B 43 -2.47 -5.69 6.04
C GLN B 43 -3.75 -4.90 6.27
N GLY B 44 -4.62 -5.39 7.15
CA GLY B 44 -5.87 -4.69 7.38
C GLY B 44 -5.90 -3.77 8.57
N LEU B 45 -7.03 -3.12 8.78
CA LEU B 45 -7.22 -2.23 9.93
C LEU B 45 -7.31 -3.11 11.18
N GLU B 46 -6.70 -2.68 12.27
CA GLU B 46 -6.71 -3.43 13.52
C GLU B 46 -7.01 -2.44 14.67
N TRP B 47 -8.09 -2.69 15.42
CA TRP B 47 -8.47 -1.76 16.50
C TRP B 47 -7.49 -1.96 17.66
N ILE B 48 -7.04 -0.85 18.25
CA ILE B 48 -6.08 -0.90 19.35
C ILE B 48 -6.68 -0.63 20.73
N GLY B 49 -7.40 0.48 20.82
CA GLY B 49 -8.00 0.87 22.09
C GLY B 49 -8.64 2.25 22.05
N THR B 50 -9.19 2.69 23.17
CA THR B 50 -9.83 3.96 23.14
C THR B 50 -9.74 4.69 24.46
N ILE B 51 -9.92 5.98 24.44
CA ILE B 51 -9.84 6.72 25.68
C ILE B 51 -10.89 7.81 25.66
N TYR B 52 -11.39 8.14 26.85
CA TYR B 52 -12.37 9.20 26.99
C TYR B 52 -11.61 10.31 27.72
N PRO B 53 -11.16 11.35 27.02
CA PRO B 53 -10.43 12.46 27.65
C PRO B 53 -11.18 13.09 28.83
N GLY B 54 -12.50 12.90 28.87
CA GLY B 54 -13.33 13.44 29.93
C GLY B 54 -12.94 12.92 31.31
N ASN B 55 -12.55 11.65 31.38
CA ASN B 55 -12.16 11.11 32.67
C ASN B 55 -10.98 10.15 32.63
N SER B 56 -10.27 10.13 31.51
CA SER B 56 -9.09 9.27 31.34
C SER B 56 -9.46 7.78 31.33
N ASP B 57 -10.75 7.49 31.26
CA ASP B 57 -11.23 6.09 31.19
C ASP B 57 -10.64 5.50 29.90
N THR B 58 -10.04 4.31 29.97
CA THR B 58 -9.48 3.69 28.77
C THR B 58 -9.86 2.22 28.65
N THR B 59 -9.57 1.64 27.49
CA THR B 59 -9.83 0.23 27.19
C THR B 59 -8.94 -0.21 26.05
N TYR B 60 -8.31 -1.38 26.19
CA TYR B 60 -7.45 -1.84 25.13
C TYR B 60 -7.79 -3.19 24.53
N SER B 61 -7.58 -3.33 23.23
CA SER B 61 -7.79 -4.61 22.58
C SER B 61 -6.86 -5.53 23.40
N GLN B 62 -7.32 -6.73 23.73
CA GLN B 62 -6.52 -7.63 24.52
C GLN B 62 -5.08 -7.73 23.98
N LYS B 63 -4.97 -7.70 22.67
CA LYS B 63 -3.67 -7.83 22.02
C LYS B 63 -2.71 -6.67 22.26
N PHE B 64 -3.21 -5.51 22.63
CA PHE B 64 -2.30 -4.38 22.84
C PHE B 64 -2.08 -3.96 24.28
N LYS B 65 -2.70 -4.64 25.22
CA LYS B 65 -2.49 -4.26 26.61
C LYS B 65 -0.99 -4.30 26.93
N GLY B 66 -0.47 -3.25 27.56
CA GLY B 66 0.94 -3.24 27.87
C GLY B 66 1.77 -2.79 26.67
N LYS B 67 1.33 -3.09 25.45
CA LYS B 67 2.06 -2.65 24.26
C LYS B 67 1.74 -1.17 23.98
N ALA B 68 0.48 -0.81 24.07
CA ALA B 68 0.05 0.58 23.85
C ALA B 68 -0.47 1.25 25.12
N LYS B 69 -0.09 2.50 25.33
CA LYS B 69 -0.57 3.25 26.51
C LYS B 69 -1.06 4.56 25.96
N LEU B 70 -2.28 4.90 26.31
CA LEU B 70 -2.90 6.11 25.84
C LEU B 70 -3.11 7.11 26.96
N THR B 71 -2.98 8.38 26.58
CA THR B 71 -3.17 9.51 27.48
C THR B 71 -3.79 10.64 26.70
N ALA B 72 -4.30 11.61 27.44
CA ALA B 72 -4.88 12.76 26.80
C ALA B 72 -4.64 13.98 27.68
N VAL B 73 -4.18 15.07 27.06
CA VAL B 73 -3.96 16.31 27.78
C VAL B 73 -5.17 17.18 27.44
N THR B 74 -6.00 17.47 28.43
CA THR B 74 -7.16 18.27 28.16
C THR B 74 -6.93 19.71 27.71
N SER B 75 -6.25 20.51 28.50
CA SER B 75 -6.04 21.91 28.14
C SER B 75 -5.53 22.09 26.72
N THR B 76 -5.01 21.04 26.11
CA THR B 76 -4.53 21.12 24.72
C THR B 76 -5.29 20.23 23.74
N SER B 77 -6.45 19.70 24.15
CA SER B 77 -7.21 18.82 23.26
C SER B 77 -6.34 17.84 22.44
N THR B 78 -5.23 17.36 23.01
CA THR B 78 -4.37 16.39 22.32
C THR B 78 -4.36 15.00 22.94
N ALA B 79 -4.45 13.98 22.10
CA ALA B 79 -4.43 12.59 22.57
C ALA B 79 -3.09 11.95 22.22
N TYR B 80 -2.54 11.12 23.13
CA TYR B 80 -1.27 10.47 22.83
C TYR B 80 -1.35 8.96 22.93
N MET B 81 -0.41 8.29 22.25
CA MET B 81 -0.29 6.84 22.32
C MET B 81 1.21 6.52 22.39
N GLU B 82 1.61 5.68 23.33
CA GLU B 82 3.01 5.32 23.47
C GLU B 82 3.12 3.81 23.27
N LEU B 83 4.01 3.38 22.37
CA LEU B 83 4.25 1.96 22.10
C LEU B 83 5.59 1.59 22.71
N SER B 84 5.65 0.49 23.45
CA SER B 84 6.89 0.09 24.11
C SER B 84 7.51 -1.17 23.51
N SER B 85 8.79 -1.39 23.82
CA SER B 85 9.52 -2.57 23.36
C SER B 85 9.26 -2.86 21.89
N LEU B 86 9.35 -1.82 21.07
CA LEU B 86 9.07 -1.95 19.65
C LEU B 86 9.70 -3.16 18.98
N THR B 87 9.04 -3.68 17.96
CA THR B 87 9.55 -4.82 17.22
C THR B 87 9.21 -4.58 15.76
N ASN B 88 9.58 -5.54 14.92
CA ASN B 88 9.30 -5.44 13.49
C ASN B 88 7.78 -5.35 13.25
N GLU B 89 7.03 -6.04 14.08
CA GLU B 89 5.57 -6.07 13.98
C GLU B 89 4.91 -4.74 14.33
N ASP B 90 5.59 -3.87 15.09
CA ASP B 90 4.99 -2.57 15.42
C ASP B 90 5.12 -1.55 14.28
N SER B 91 5.76 -1.93 13.18
CA SER B 91 5.94 -1.05 12.02
C SER B 91 4.62 -0.86 11.30
N ALA B 92 4.16 0.38 11.18
CA ALA B 92 2.88 0.63 10.47
C ALA B 92 2.37 2.06 10.54
N VAL B 93 1.21 2.28 9.92
CA VAL B 93 0.60 3.61 9.97
C VAL B 93 -0.39 3.56 11.16
N TYR B 94 -0.34 4.52 12.08
CA TYR B 94 -1.27 4.54 13.22
C TYR B 94 -2.24 5.72 13.16
N TYR B 95 -3.55 5.42 13.20
CA TYR B 95 -4.56 6.46 13.14
C TYR B 95 -5.30 6.75 14.43
N CYS B 96 -5.80 7.97 14.55
CA CYS B 96 -6.65 8.34 15.68
C CYS B 96 -7.92 8.81 15.01
N SER B 97 -9.05 8.62 15.66
CA SER B 97 -10.34 9.06 15.12
C SER B 97 -11.34 9.40 16.23
N ARG B 98 -12.36 10.16 15.87
CA ARG B 98 -13.34 10.54 16.85
C ARG B 98 -14.64 9.73 16.79
N ARG B 99 -15.01 9.10 17.90
CA ARG B 99 -16.24 8.36 17.93
C ARG B 99 -17.33 9.41 18.09
N ASN B 100 -18.12 9.58 17.03
CA ASN B 100 -19.18 10.56 17.13
C ASN B 100 -20.47 10.00 17.75
N TYR B 101 -21.35 10.89 18.18
CA TYR B 101 -22.65 10.49 18.74
C TYR B 101 -23.66 11.52 18.31
N GLY B 102 -24.93 11.17 18.44
CA GLY B 102 -25.99 12.09 18.06
C GLY B 102 -26.35 12.00 16.59
N SER B 103 -25.65 12.75 15.76
CA SER B 103 -25.95 12.77 14.33
C SER B 103 -25.39 11.60 13.58
N SER B 104 -24.68 10.74 14.29
CA SER B 104 -24.06 9.56 13.70
C SER B 104 -23.32 8.86 14.84
N TYR B 105 -23.36 7.54 14.84
CA TYR B 105 -22.72 6.73 15.87
C TYR B 105 -21.66 5.90 15.21
N ALA B 106 -20.46 6.46 15.14
CA ALA B 106 -19.37 5.77 14.48
C ALA B 106 -18.10 6.62 14.53
N MET B 107 -17.06 6.18 13.82
CA MET B 107 -15.83 6.96 13.76
C MET B 107 -15.93 7.84 12.50
N ASP B 108 -16.47 9.05 12.66
CA ASP B 108 -16.66 9.96 11.53
C ASP B 108 -15.47 10.82 11.13
N TYR B 109 -14.51 11.03 12.03
CA TYR B 109 -13.33 11.86 11.71
C TYR B 109 -12.05 11.15 12.04
N TRP B 110 -11.13 11.20 11.08
CA TRP B 110 -9.88 10.50 11.23
C TRP B 110 -8.68 11.38 11.07
N GLY B 111 -7.61 11.03 11.75
CA GLY B 111 -6.37 11.76 11.61
C GLY B 111 -5.77 11.29 10.30
N GLN B 112 -4.57 11.76 9.96
CA GLN B 112 -3.97 11.39 8.68
C GLN B 112 -3.03 10.23 8.80
N GLY B 113 -2.77 9.81 10.02
CA GLY B 113 -1.88 8.68 10.21
C GLY B 113 -0.45 9.07 10.52
N THR B 114 0.18 8.25 11.34
CA THR B 114 1.55 8.44 11.78
C THR B 114 2.37 7.18 11.49
N SER B 115 3.14 7.23 10.41
CA SER B 115 3.95 6.09 10.02
C SER B 115 5.08 5.86 11.03
N VAL B 116 5.17 4.65 11.57
CA VAL B 116 6.23 4.29 12.53
C VAL B 116 7.03 3.17 11.87
N THR B 117 8.35 3.27 11.91
CA THR B 117 9.21 2.26 11.30
C THR B 117 10.24 1.78 12.32
N VAL B 118 10.23 0.48 12.58
CA VAL B 118 11.15 -0.10 13.55
C VAL B 118 12.22 -0.93 12.85
N SER B 119 13.48 -0.59 13.14
CA SER B 119 14.62 -1.28 12.54
C SER B 119 15.90 -0.74 13.15
N SER B 120 16.94 -1.58 13.20
CA SER B 120 18.21 -1.15 13.75
C SER B 120 19.12 -0.65 12.63
N ALA B 121 18.61 -0.67 11.40
CA ALA B 121 19.37 -0.22 10.22
C ALA B 121 19.77 1.24 10.34
N LYS B 122 20.61 1.72 9.42
CA LYS B 122 21.06 3.12 9.44
C LYS B 122 20.74 3.91 8.14
N THR B 123 20.89 5.23 8.23
CA THR B 123 20.60 6.13 7.10
C THR B 123 21.58 5.97 5.94
N THR B 124 21.07 5.66 4.75
CA THR B 124 21.94 5.50 3.59
C THR B 124 21.28 6.04 2.32
N PRO B 125 22.05 6.79 1.50
CA PRO B 125 21.57 7.36 0.25
C PRO B 125 21.39 6.31 -0.83
N PRO B 126 20.48 6.55 -1.78
CA PRO B 126 20.27 5.56 -2.84
C PRO B 126 21.44 5.47 -3.79
N SER B 127 21.37 4.47 -4.67
CA SER B 127 22.38 4.25 -5.68
C SER B 127 21.56 4.11 -6.94
N VAL B 128 21.06 5.23 -7.45
CA VAL B 128 20.25 5.16 -8.64
C VAL B 128 21.09 4.54 -9.74
N TYR B 129 20.45 3.67 -10.53
CA TYR B 129 21.10 2.96 -11.62
C TYR B 129 20.30 3.11 -12.90
N PRO B 130 20.95 3.64 -13.95
CA PRO B 130 20.30 3.85 -15.25
C PRO B 130 20.00 2.53 -15.96
N LEU B 131 18.81 2.44 -16.55
CA LEU B 131 18.43 1.22 -17.24
C LEU B 131 17.77 1.46 -18.60
N ALA B 132 18.43 0.95 -19.64
CA ALA B 132 17.94 1.08 -21.02
C ALA B 132 17.91 -0.29 -21.69
N PRO B 133 16.98 -0.50 -22.63
CA PRO B 133 16.86 -1.79 -23.33
C PRO B 133 18.16 -2.32 -23.92
N GLY B 134 18.33 -3.65 -23.87
CA GLY B 134 19.54 -4.27 -24.39
C GLY B 134 19.49 -4.63 -25.87
N SER B 135 18.41 -4.21 -26.54
CA SER B 135 18.22 -4.44 -27.98
C SER B 135 18.19 -5.87 -28.50
N ALA B 136 17.12 -6.60 -28.20
CA ALA B 136 16.99 -7.97 -28.67
C ALA B 136 15.52 -8.29 -28.95
N ALA B 137 14.67 -7.31 -28.67
CA ALA B 137 13.22 -7.50 -28.81
C ALA B 137 12.50 -6.82 -29.96
N GLN B 138 11.37 -7.44 -30.32
CA GLN B 138 10.47 -6.96 -31.36
C GLN B 138 9.69 -5.86 -30.67
N THR B 139 9.83 -4.70 -31.28
CA THR B 139 9.36 -3.43 -30.80
C THR B 139 8.07 -2.87 -31.43
N SER B 141 6.46 1.23 -31.79
CA SER B 141 6.44 2.72 -31.92
C SER B 141 6.71 3.41 -30.59
N MET B 142 6.92 2.60 -29.55
CA MET B 142 7.21 3.13 -28.22
C MET B 142 8.12 2.17 -27.45
N VAL B 143 9.20 2.70 -26.89
CA VAL B 143 10.14 1.86 -26.13
C VAL B 143 10.09 2.12 -24.62
N THR B 144 10.21 1.06 -23.85
CA THR B 144 10.18 1.14 -22.40
C THR B 144 11.61 1.06 -21.83
N LEU B 145 12.01 2.11 -21.11
CA LEU B 145 13.32 2.16 -20.48
C LEU B 145 13.07 2.48 -19.00
N GLY B 146 14.09 2.35 -18.16
CA GLY B 146 13.84 2.60 -16.76
C GLY B 146 14.97 3.06 -15.86
N CYS B 147 14.63 3.16 -14.58
CA CYS B 147 15.55 3.60 -13.54
C CYS B 147 15.40 2.70 -12.32
N LEU B 148 16.52 2.40 -11.69
CA LEU B 148 16.52 1.57 -10.50
C LEU B 148 17.08 2.33 -9.32
N VAL B 149 16.48 2.11 -8.15
CA VAL B 149 16.89 2.77 -6.93
C VAL B 149 16.98 1.72 -5.82
N LYS B 150 18.15 1.58 -5.22
CA LYS B 150 18.35 0.56 -4.17
C LYS B 150 19.36 0.84 -3.06
N GLY B 151 19.38 -0.07 -2.09
CA GLY B 151 20.29 0.03 -0.96
C GLY B 151 20.12 1.31 -0.19
N TYR B 152 18.95 1.92 -0.29
CA TYR B 152 18.69 3.17 0.39
C TYR B 152 17.83 3.02 1.65
N PHE B 153 17.96 3.99 2.55
CA PHE B 153 17.22 3.99 3.80
C PHE B 153 17.33 5.39 4.43
N PRO B 154 16.20 5.91 4.96
CA PRO B 154 14.89 5.25 4.95
C PRO B 154 13.94 5.80 3.89
N GLU B 155 12.68 5.42 3.97
CA GLU B 155 11.68 5.88 3.03
C GLU B 155 11.42 7.35 3.33
N PRO B 156 10.95 8.11 2.33
CA PRO B 156 10.64 7.68 0.96
C PRO B 156 11.66 8.29 -0.01
N VAL B 157 11.43 8.08 -1.30
CA VAL B 157 12.30 8.61 -2.34
C VAL B 157 11.49 9.39 -3.35
N THR B 158 12.00 10.57 -3.71
CA THR B 158 11.32 11.43 -4.68
C THR B 158 11.78 11.03 -6.06
N VAL B 159 11.04 10.13 -6.70
CA VAL B 159 11.39 9.69 -8.03
C VAL B 159 10.47 10.32 -9.08
N THR B 160 11.07 11.13 -9.95
CA THR B 160 10.34 11.80 -11.01
C THR B 160 11.09 11.60 -12.33
N TRP B 161 10.38 11.79 -13.44
CA TRP B 161 10.95 11.65 -14.78
C TRP B 161 11.07 13.01 -15.46
N ASN B 162 12.31 13.46 -15.65
CA ASN B 162 12.58 14.75 -16.29
C ASN B 162 12.04 15.88 -15.44
N SER B 163 12.42 15.85 -14.18
CA SER B 163 12.02 16.86 -13.21
C SER B 163 10.52 17.08 -13.07
N GLY B 164 9.72 16.09 -13.46
CA GLY B 164 8.29 16.22 -13.33
C GLY B 164 7.53 16.39 -14.64
N SER B 165 8.25 16.32 -15.75
CA SER B 165 7.66 16.48 -17.07
C SER B 165 6.84 15.27 -17.54
N LEU B 166 7.36 14.07 -17.30
CA LEU B 166 6.67 12.83 -17.72
C LEU B 166 5.89 12.16 -16.57
N SER B 167 4.61 11.91 -16.81
CA SER B 167 3.74 11.29 -15.80
C SER B 167 3.11 9.97 -16.26
N SER B 168 2.68 9.93 -17.51
CA SER B 168 2.06 8.73 -18.08
C SER B 168 3.13 7.80 -18.66
N GLY B 169 2.82 6.52 -18.73
CA GLY B 169 3.78 5.56 -19.25
C GLY B 169 4.82 5.34 -18.18
N VAL B 170 4.53 5.88 -17.00
CA VAL B 170 5.40 5.76 -15.84
C VAL B 170 4.80 4.76 -14.87
N HIS B 171 5.67 3.94 -14.28
CA HIS B 171 5.25 2.96 -13.30
C HIS B 171 6.34 2.90 -12.26
N THR B 172 6.08 3.55 -11.14
CA THR B 172 7.03 3.54 -10.04
C THR B 172 6.50 2.48 -9.10
N PHE B 173 7.38 1.63 -8.61
CA PHE B 173 6.97 0.54 -7.74
C PHE B 173 7.31 0.71 -6.26
N PRO B 174 6.49 0.11 -5.40
CA PRO B 174 6.67 0.14 -3.96
C PRO B 174 8.04 -0.36 -3.53
N ALA B 175 8.72 0.43 -2.73
CA ALA B 175 10.03 0.02 -2.25
C ALA B 175 9.89 -1.30 -1.49
N VAL B 176 10.66 -2.30 -1.89
CA VAL B 176 10.59 -3.56 -1.18
C VAL B 176 11.82 -3.58 -0.31
N LEU B 177 11.87 -4.54 0.60
CA LEU B 177 12.98 -4.63 1.52
C LEU B 177 14.07 -5.57 1.00
N GLN B 178 15.19 -5.00 0.59
CA GLN B 178 16.31 -5.80 0.09
C GLN B 178 17.51 -5.66 1.03
N SER B 179 17.43 -6.36 2.16
CA SER B 179 18.49 -6.36 3.16
C SER B 179 18.70 -5.04 3.88
N ASP B 180 17.95 -4.84 4.96
CA ASP B 180 18.08 -3.63 5.78
C ASP B 180 17.78 -2.33 5.07
N LEU B 181 17.76 -2.38 3.75
CA LEU B 181 17.53 -1.18 2.98
C LEU B 181 16.48 -1.47 1.93
N TYR B 182 15.86 -0.42 1.39
CA TYR B 182 14.84 -0.60 0.38
C TYR B 182 15.40 -0.48 -1.02
N THR B 183 14.55 -0.84 -1.99
CA THR B 183 14.90 -0.80 -3.40
C THR B 183 13.60 -0.64 -4.18
N LEU B 184 13.57 0.30 -5.11
CA LEU B 184 12.37 0.50 -5.91
C LEU B 184 12.78 0.65 -7.36
N SER B 185 11.81 0.81 -8.25
CA SER B 185 12.15 0.95 -9.66
C SER B 185 11.09 1.72 -10.40
N SER B 186 11.48 2.29 -11.54
CA SER B 186 10.54 3.02 -12.39
C SER B 186 10.84 2.73 -13.85
N SER B 187 9.78 2.53 -14.62
CA SER B 187 9.89 2.25 -16.06
C SER B 187 9.07 3.28 -16.83
N VAL B 188 9.75 4.01 -17.72
CA VAL B 188 9.07 5.03 -18.53
C VAL B 188 8.69 4.55 -19.93
N THR B 189 7.54 4.99 -20.39
CA THR B 189 7.01 4.63 -21.71
C THR B 189 6.19 5.79 -22.30
N SER B 193 10.80 6.28 -29.26
CA SER B 193 11.18 6.83 -30.59
C SER B 193 11.77 8.23 -30.48
N THR B 194 11.36 8.98 -29.47
CA THR B 194 11.88 10.32 -29.25
C THR B 194 13.15 10.19 -28.43
N TRP B 195 13.48 8.93 -28.13
CA TRP B 195 14.70 8.58 -27.38
C TRP B 195 15.53 7.64 -28.28
N PRO B 196 16.86 7.72 -28.21
CA PRO B 196 17.67 8.62 -27.38
C PRO B 196 17.91 9.97 -28.05
N SER B 197 17.20 10.19 -29.17
CA SER B 197 17.26 11.42 -29.96
C SER B 197 17.23 12.67 -29.08
N GLU B 198 16.30 12.68 -28.12
CA GLU B 198 16.13 13.79 -27.17
C GLU B 198 16.58 13.28 -25.80
N THR B 199 16.61 14.17 -24.80
CA THR B 199 17.05 13.75 -23.48
C THR B 199 15.92 13.32 -22.54
N VAL B 200 16.04 12.09 -22.05
CA VAL B 200 15.10 11.51 -21.10
C VAL B 200 15.96 10.88 -20.01
N THR B 201 16.05 11.57 -18.87
CA THR B 201 16.86 11.09 -17.76
C THR B 201 16.04 10.91 -16.49
N CYS B 202 16.65 10.25 -15.51
CA CYS B 202 16.02 9.94 -14.23
C CYS B 202 16.32 10.99 -13.14
N ASN B 203 15.28 11.55 -12.54
CA ASN B 203 15.44 12.55 -11.49
C ASN B 203 14.97 12.00 -10.13
N VAL B 204 15.93 11.47 -9.35
CA VAL B 204 15.66 10.88 -8.04
C VAL B 204 16.23 11.74 -6.92
N ALA B 205 15.47 11.89 -5.84
CA ALA B 205 15.91 12.67 -4.70
C ALA B 205 15.55 11.97 -3.41
N HIS B 206 16.43 12.10 -2.41
CA HIS B 206 16.22 11.48 -1.12
C HIS B 206 16.22 12.54 0.00
N PRO B 207 15.03 12.88 0.53
CA PRO B 207 14.97 13.88 1.59
C PRO B 207 15.90 13.55 2.75
N ALA B 208 15.73 12.36 3.33
CA ALA B 208 16.52 11.91 4.46
C ALA B 208 18.03 12.04 4.24
N SER B 209 18.53 11.37 3.19
CA SER B 209 19.96 11.44 2.91
C SER B 209 20.35 12.85 2.52
N SER B 210 19.34 13.69 2.29
CA SER B 210 19.60 15.06 1.90
C SER B 210 20.39 15.05 0.60
N THR B 211 19.96 14.20 -0.33
CA THR B 211 20.62 14.10 -1.62
C THR B 211 19.61 14.22 -2.76
N LYS B 212 20.12 14.56 -3.92
CA LYS B 212 19.32 14.74 -5.12
C LYS B 212 20.28 14.44 -6.24
N VAL B 213 20.01 13.37 -6.97
CA VAL B 213 20.90 13.00 -8.06
C VAL B 213 20.09 12.65 -9.30
N ASP B 214 20.72 12.80 -10.45
CA ASP B 214 20.05 12.48 -11.69
C ASP B 214 20.91 11.49 -12.45
N LYS B 215 20.29 10.46 -13.00
CA LYS B 215 21.03 9.53 -13.79
C LYS B 215 20.42 9.59 -15.19
N LYS B 216 21.25 10.02 -16.12
CA LYS B 216 20.86 10.18 -17.52
C LYS B 216 20.97 8.83 -18.23
N ILE B 217 19.84 8.29 -18.69
CA ILE B 217 19.85 6.99 -19.36
C ILE B 217 20.48 7.06 -20.74
N VAL B 218 21.75 6.67 -20.81
CA VAL B 218 22.51 6.67 -22.06
C VAL B 218 22.66 5.23 -22.58
N PRO B 219 22.35 4.98 -23.86
CA PRO B 219 22.44 3.64 -24.47
C PRO B 219 23.72 2.86 -24.15
N ARG B 220 23.75 1.61 -24.60
CA ARG B 220 24.90 0.74 -24.35
C ARG B 220 25.93 0.76 -25.46
P 64T C 9 -24.55 3.42 25.53
OP1 64T C 9 -24.74 2.22 26.39
OP2 64T C 9 -24.09 4.69 26.15
O5' 64T C 9 -23.57 3.02 24.35
C5' 64T C 9 -24.03 2.14 23.33
C4' 64T C 9 -22.94 1.91 22.30
O4' 64T C 9 -22.87 3.11 21.49
C3' 64T C 9 -21.54 1.74 22.89
O3' 64T C 9 -21.03 0.42 22.88
C2' 64T C 9 -20.64 2.54 21.97
C1' 64T C 9 -21.56 3.37 21.09
N1 64T C 9 -21.28 4.86 21.24
C2 64T C 9 -21.16 5.62 20.18
O2 64T C 9 -21.20 5.18 19.02
N3 64T C 9 -20.96 6.99 20.39
C4 64T C 9 -20.88 7.60 21.64
O4 64T C 9 -20.43 8.73 21.72
C5 64T C 9 -21.32 6.80 22.85
C5M 64T C 9 -22.81 7.02 23.09
O5 64T C 9 -20.59 7.23 24.02
C6 64T C 9 -21.06 5.29 22.66
P 5PY C 10 -19.99 0.00 24.02
OP2 5PY C 10 -20.59 0.43 25.31
OP1 5PY C 10 -19.64 -1.40 23.80
O5' 5PY C 10 -18.72 0.94 23.80
C5' 5PY C 10 -17.63 0.55 22.96
C4' 5PY C 10 -16.31 0.93 23.58
O4' 5PY C 10 -15.82 2.18 23.04
C1' 5PY C 10 -15.92 3.23 24.02
N1 5PY C 10 -17.24 3.86 23.67
C2 5PY C 10 -17.46 4.39 22.44
O2 5PY C 10 -16.56 4.43 21.56
N3 5PY C 10 -18.72 4.87 22.16
C4 5PY C 10 -19.68 4.81 23.10
C5 5PY C 10 -19.50 4.32 24.39
C5M 5PY C 10 -20.56 4.25 25.47
C6 5PY C 10 -18.24 3.83 24.63
C2' 5PY C 10 -16.00 2.54 25.36
C3' 5PY C 10 -16.34 1.07 25.09
O3' 5PY C 10 -15.44 0.21 25.76
CO NCO E . -13.20 -0.32 31.34
N1 NCO E . -13.18 1.07 30.21
N2 NCO E . -14.89 -0.68 30.85
N3 NCO E . -11.55 0.05 31.86
N4 NCO E . -13.77 0.75 32.55
N5 NCO E . -12.59 -1.45 30.08
N6 NCO E . -13.21 -1.68 32.49
#